data_3HLG
#
_entry.id   3HLG
#
_cell.length_a   59.042
_cell.length_b   75.189
_cell.length_c   131.696
_cell.angle_alpha   90.000
_cell.angle_beta   90.000
_cell.angle_gamma   90.000
#
_symmetry.space_group_name_H-M   'P 21 21 21'
#
loop_
_entity.id
_entity.type
_entity.pdbx_description
1 polymer Transesterase
2 non-polymer '(3R,5R)-7-((1R,2R,6S,8R,8AS)-2,6-DIMETHYL-8-{[(2R)-2-METHYLBUTANOYL]OXY}-1,2,6,7,8,8A-HEXAHYDRONAPHTHALEN-1-YL)-3,5-DIHYDROXYHEPTANOIC ACID'
3 water water
#
_entity_poly.entity_id   1
_entity_poly.type   'polypeptide(L)'
_entity_poly.pdbx_seq_one_letter_code
;GSSHHHHHHSSGLVPRGSHMGSIIDAAAAAGPVVLMETAFRKAVESRQIPGAVIMARDASGNLNYTRCFGARTVRRDENN
QLPPLQVDTPCRLAAATKLLTTIMVLQCMERGLVDLDETVDRLLPDLSAMPVLEGFDDAGNARLRERRGKITLRHLLTHT
SGLSYVFLHPLLREYMAQGYLQSAEKFGIQSRLAPPAVNDPGAEWIYGTNLDWAGKLVERATGLDLEQYLQENICAPLGI
TDMTFKLQQRPDMLARRADQTHRNSADGRLRYDDSVYFRADGEECFGGQGVFSSPGSYMKVLHSLLKRDGLLLQPQTVDL
MFQPALEPRLEEQMNQHMDASPHINYGGPMPMVLRRSFGLGGIIALEDLDGENWRRKGSLTFGGGPNIVWQIDPKAGLCT
LAFFQLEPWNDPVCRDLTRTFEHAIYAQYQQG
;
_entity_poly.pdbx_strand_id   A
#
# COMPACT_ATOMS: atom_id res chain seq x y z
N HIS A 8 -47.14 28.15 20.27
CA HIS A 8 -47.18 26.73 19.81
C HIS A 8 -46.75 26.65 18.35
N HIS A 9 -47.11 25.57 17.65
CA HIS A 9 -46.62 25.31 16.29
C HIS A 9 -47.54 25.91 15.23
N SER A 10 -47.06 25.97 13.99
CA SER A 10 -47.85 26.47 12.86
C SER A 10 -48.64 25.32 12.23
N SER A 11 -49.95 25.53 12.05
CA SER A 11 -50.85 24.49 11.53
C SER A 11 -50.36 23.89 10.20
N GLY A 12 -50.17 22.58 10.19
CA GLY A 12 -49.82 21.84 8.98
C GLY A 12 -48.33 21.81 8.67
N LEU A 13 -47.52 22.41 9.54
CA LEU A 13 -46.08 22.51 9.34
C LEU A 13 -45.30 21.77 10.43
N VAL A 14 -44.23 21.07 10.03
CA VAL A 14 -43.41 20.32 10.97
C VAL A 14 -42.82 21.28 12.01
N PRO A 15 -42.91 20.92 13.31
CA PRO A 15 -42.47 21.84 14.35
C PRO A 15 -40.95 21.93 14.47
N ARG A 16 -40.33 22.74 13.61
CA ARG A 16 -38.87 22.92 13.62
C ARG A 16 -38.50 23.96 14.67
N GLY A 17 -37.20 24.26 14.77
CA GLY A 17 -36.73 25.37 15.58
C GLY A 17 -37.34 26.68 15.11
N SER A 18 -37.87 27.48 16.04
CA SER A 18 -38.56 28.74 15.73
C SER A 18 -37.76 29.99 16.10
N HIS A 19 -36.76 29.82 16.97
CA HIS A 19 -35.85 30.90 17.38
C HIS A 19 -34.43 30.34 17.53
N MET A 20 -33.46 31.18 17.89
CA MET A 20 -32.05 30.74 18.02
C MET A 20 -31.81 29.68 19.11
N GLY A 21 -32.62 29.71 20.16
CA GLY A 21 -32.55 28.72 21.24
C GLY A 21 -32.88 27.31 20.78
N SER A 22 -33.99 27.16 20.05
CA SER A 22 -34.45 25.84 19.58
C SER A 22 -33.88 25.44 18.21
N ILE A 23 -33.03 26.28 17.62
CA ILE A 23 -32.33 25.94 16.37
C ILE A 23 -30.91 25.44 16.63
N ILE A 24 -30.24 26.00 17.63
CA ILE A 24 -28.93 25.50 18.10
C ILE A 24 -29.07 24.11 18.71
N ASP A 25 -30.13 23.93 19.51
CA ASP A 25 -30.43 22.63 20.13
C ASP A 25 -31.02 21.62 19.12
N ALA A 26 -31.60 22.14 18.04
CA ALA A 26 -32.07 21.31 16.91
C ALA A 26 -30.91 20.54 16.26
N ALA A 27 -29.70 21.10 16.32
CA ALA A 27 -28.47 20.44 15.86
C ALA A 27 -27.63 19.94 17.06
N ALA A 28 -27.60 18.62 17.25
CA ALA A 28 -26.74 18.00 18.27
C ALA A 28 -25.25 18.15 17.91
N ALA A 29 -24.39 18.19 18.92
CA ALA A 29 -22.96 18.49 18.74
C ALA A 29 -22.24 17.52 17.77
N ALA A 30 -21.25 18.06 17.05
CA ALA A 30 -20.52 17.32 16.02
C ALA A 30 -19.63 16.22 16.61
N GLY A 31 -19.83 14.99 16.17
CA GLY A 31 -19.01 13.87 16.62
C GLY A 31 -17.63 13.88 15.95
N PRO A 32 -16.77 12.93 16.36
CA PRO A 32 -15.42 12.79 15.82
C PRO A 32 -15.32 12.73 14.28
N VAL A 33 -16.22 11.98 13.65
CA VAL A 33 -16.19 11.80 12.20
C VAL A 33 -16.52 13.09 11.45
N VAL A 34 -17.58 13.78 11.86
CA VAL A 34 -17.93 15.07 11.24
C VAL A 34 -16.81 16.10 11.39
N LEU A 35 -16.18 16.17 12.57
CA LEU A 35 -15.05 17.07 12.80
C LEU A 35 -13.84 16.73 11.92
N MET A 36 -13.61 15.45 11.72
CA MET A 36 -12.54 14.97 10.87
C MET A 36 -12.78 15.34 9.42
N GLU A 37 -14.02 15.18 8.95
CA GLU A 37 -14.35 15.57 7.58
C GLU A 37 -14.06 17.05 7.35
N THR A 38 -14.35 17.87 8.35
CA THR A 38 -14.03 19.30 8.29
C THR A 38 -12.55 19.57 8.10
N ALA A 39 -11.70 18.84 8.83
CA ALA A 39 -10.24 18.90 8.61
C ALA A 39 -9.81 18.58 7.16
N PHE A 40 -10.37 17.52 6.59
CA PHE A 40 -10.08 17.19 5.19
C PHE A 40 -10.52 18.32 4.25
N ARG A 41 -11.76 18.79 4.42
CA ARG A 41 -12.27 19.90 3.59
C ARG A 41 -11.37 21.14 3.70
N LYS A 42 -10.96 21.49 4.91
CA LYS A 42 -10.06 22.63 5.10
C LYS A 42 -8.67 22.43 4.46
N ALA A 43 -8.16 21.20 4.51
CA ALA A 43 -6.88 20.89 3.86
C ALA A 43 -6.97 21.08 2.33
N VAL A 44 -8.10 20.71 1.74
CA VAL A 44 -8.31 20.95 0.31
C VAL A 44 -8.47 22.45 0.05
N GLU A 45 -9.31 23.10 0.84
CA GLU A 45 -9.61 24.54 0.65
C GLU A 45 -8.38 25.43 0.80
N SER A 46 -7.51 25.10 1.75
CA SER A 46 -6.28 25.85 1.97
C SER A 46 -5.13 25.40 1.05
N ARG A 47 -5.44 24.48 0.13
CA ARG A 47 -4.50 23.98 -0.87
C ARG A 47 -3.32 23.19 -0.29
N GLN A 48 -3.49 22.58 0.88
CA GLN A 48 -2.44 21.73 1.47
C GLN A 48 -2.34 20.38 0.79
N ILE A 49 -3.48 19.84 0.35
CA ILE A 49 -3.52 18.62 -0.43
C ILE A 49 -4.38 18.84 -1.69
N PRO A 50 -4.15 18.05 -2.76
CA PRO A 50 -5.04 18.08 -3.93
C PRO A 50 -6.38 17.44 -3.62
N GLY A 51 -6.33 16.27 -2.99
CA GLY A 51 -7.53 15.59 -2.59
C GLY A 51 -7.21 14.30 -1.85
N ALA A 52 -8.27 13.59 -1.51
CA ALA A 52 -8.16 12.30 -0.80
C ALA A 52 -9.47 11.55 -0.88
N VAL A 53 -9.35 10.22 -0.76
CA VAL A 53 -10.50 9.38 -0.56
C VAL A 53 -10.24 8.52 0.65
N ILE A 54 -11.21 8.48 1.56
CA ILE A 54 -11.09 7.69 2.78
C ILE A 54 -12.27 6.70 2.85
N MET A 55 -11.98 5.49 3.28
CA MET A 55 -12.98 4.41 3.28
C MET A 55 -12.78 3.51 4.49
N ALA A 56 -13.89 3.06 5.07
CA ALA A 56 -13.86 2.18 6.23
C ALA A 56 -15.03 1.24 6.11
N ARG A 57 -14.78 -0.03 6.44
CA ARG A 57 -15.80 -1.06 6.41
C ARG A 57 -15.64 -2.03 7.57
N ASP A 58 -16.77 -2.52 8.10
CA ASP A 58 -16.75 -3.67 8.99
C ASP A 58 -17.21 -4.89 8.21
N ALA A 59 -17.22 -6.04 8.86
CA ALA A 59 -17.64 -7.32 8.26
C ALA A 59 -19.14 -7.42 8.13
N SER A 60 -19.86 -6.94 9.15
CA SER A 60 -21.32 -7.06 9.21
C SER A 60 -22.06 -6.29 8.12
N GLY A 61 -21.46 -5.21 7.61
CA GLY A 61 -22.14 -4.28 6.71
C GLY A 61 -22.69 -3.01 7.34
N ASN A 62 -22.71 -2.93 8.68
CA ASN A 62 -23.24 -1.75 9.35
C ASN A 62 -22.35 -0.51 9.23
N LEU A 63 -21.07 -0.73 8.90
CA LEU A 63 -20.14 0.35 8.60
C LEU A 63 -19.72 0.20 7.15
N ASN A 64 -20.11 1.18 6.36
CA ASN A 64 -19.75 1.26 4.94
C ASN A 64 -19.63 2.74 4.61
N TYR A 65 -18.43 3.26 4.84
CA TYR A 65 -18.18 4.69 4.89
C TYR A 65 -17.18 5.02 3.79
N THR A 66 -17.55 5.93 2.91
CA THR A 66 -16.68 6.44 1.86
C THR A 66 -16.85 7.94 1.77
N ARG A 67 -15.74 8.67 1.78
CA ARG A 67 -15.81 10.10 1.55
C ARG A 67 -14.70 10.49 0.59
N CYS A 68 -14.97 11.47 -0.26
CA CYS A 68 -14.03 11.92 -1.28
C CYS A 68 -13.92 13.42 -1.14
N PHE A 69 -12.68 13.92 -1.22
CA PHE A 69 -12.41 15.35 -1.06
C PHE A 69 -11.51 15.79 -2.19
N GLY A 70 -11.79 16.99 -2.73
CA GLY A 70 -10.85 17.64 -3.60
C GLY A 70 -10.66 17.00 -4.96
N ALA A 71 -9.48 17.27 -5.52
CA ALA A 71 -9.21 17.04 -6.93
C ALA A 71 -8.27 15.86 -7.13
N ARG A 72 -8.34 15.26 -8.31
CA ARG A 72 -7.46 14.17 -8.71
C ARG A 72 -6.17 14.67 -9.39
N THR A 73 -5.95 15.99 -9.38
CA THR A 73 -4.82 16.59 -10.09
C THR A 73 -4.69 18.06 -9.68
N VAL A 74 -3.56 18.66 -10.02
CA VAL A 74 -3.40 20.11 -9.92
C VAL A 74 -3.43 20.75 -11.31
N ARG A 75 -3.57 19.93 -12.35
CA ARG A 75 -3.67 20.45 -13.72
C ARG A 75 -5.12 20.73 -14.10
N ARG A 76 -5.37 21.94 -14.60
CA ARG A 76 -6.72 22.33 -15.01
C ARG A 76 -7.13 21.61 -16.28
N ASP A 77 -8.40 21.23 -16.35
CA ASP A 77 -8.91 20.48 -17.49
C ASP A 77 -9.30 21.43 -18.63
N GLU A 78 -9.96 20.89 -19.64
CA GLU A 78 -10.32 21.67 -20.81
C GLU A 78 -11.33 22.77 -20.51
N ASN A 79 -12.03 22.71 -19.38
CA ASN A 79 -12.99 23.75 -19.00
C ASN A 79 -12.41 24.68 -17.94
N ASN A 80 -11.09 24.55 -17.72
CA ASN A 80 -10.35 25.35 -16.75
C ASN A 80 -10.71 25.01 -15.31
N GLN A 81 -11.19 23.78 -15.08
CA GLN A 81 -11.59 23.35 -13.74
C GLN A 81 -10.63 22.27 -13.24
N LEU A 82 -10.73 21.93 -11.96
CA LEU A 82 -9.92 20.88 -11.36
C LEU A 82 -10.82 19.69 -11.06
N PRO A 83 -10.72 18.60 -11.85
CA PRO A 83 -11.73 17.57 -11.71
C PRO A 83 -11.59 16.80 -10.40
N PRO A 84 -12.68 16.20 -9.90
CA PRO A 84 -12.67 15.61 -8.57
C PRO A 84 -11.97 14.25 -8.48
N LEU A 85 -11.42 13.97 -7.29
CA LEU A 85 -10.95 12.63 -6.96
C LEU A 85 -12.16 11.85 -6.44
N GLN A 86 -12.46 10.73 -7.11
CA GLN A 86 -13.67 9.93 -6.85
C GLN A 86 -13.31 8.52 -6.40
N VAL A 87 -14.29 7.84 -5.79
CA VAL A 87 -14.09 6.46 -5.33
C VAL A 87 -13.74 5.52 -6.50
N ASP A 88 -14.10 5.90 -7.72
CA ASP A 88 -13.77 5.07 -8.88
C ASP A 88 -12.68 5.69 -9.78
N THR A 89 -11.94 6.66 -9.25
CA THR A 89 -10.85 7.28 -10.05
C THR A 89 -9.68 6.31 -10.15
N PRO A 90 -9.21 6.04 -11.39
CA PRO A 90 -7.99 5.24 -11.51
C PRO A 90 -6.75 5.93 -10.93
N CYS A 91 -6.09 5.23 -10.01
CA CYS A 91 -4.94 5.72 -9.28
C CYS A 91 -3.74 4.75 -9.34
N ARG A 92 -2.56 5.32 -9.13
CA ARG A 92 -1.32 4.58 -9.01
C ARG A 92 -1.21 4.00 -7.59
N LEU A 93 -1.14 2.68 -7.48
CA LEU A 93 -1.10 2.02 -6.17
C LEU A 93 0.31 1.92 -5.58
N ALA A 94 1.30 1.87 -6.46
CA ALA A 94 2.68 1.68 -6.05
C ALA A 94 2.74 0.46 -5.12
N ALA A 95 3.43 0.54 -3.98
CA ALA A 95 3.59 -0.64 -3.11
C ALA A 95 2.32 -1.20 -2.47
N ALA A 96 1.17 -0.54 -2.65
CA ALA A 96 -0.10 -1.17 -2.25
C ALA A 96 -0.38 -2.38 -3.16
N THR A 97 0.31 -2.45 -4.28
CA THR A 97 0.29 -3.64 -5.16
C THR A 97 0.79 -4.89 -4.42
N LYS A 98 1.68 -4.73 -3.45
CA LYS A 98 2.28 -5.87 -2.76
C LYS A 98 1.29 -6.80 -2.07
N LEU A 99 0.19 -6.27 -1.57
CA LEU A 99 -0.87 -7.09 -0.99
C LEU A 99 -1.50 -7.97 -2.06
N LEU A 100 -1.73 -7.41 -3.24
CA LEU A 100 -2.32 -8.16 -4.34
C LEU A 100 -1.41 -9.34 -4.70
N THR A 101 -0.13 -9.06 -4.89
CA THR A 101 0.82 -10.10 -5.29
C THR A 101 0.98 -11.18 -4.22
N THR A 102 0.97 -10.76 -2.95
CA THR A 102 1.00 -11.71 -1.82
C THR A 102 -0.18 -12.68 -1.92
N ILE A 103 -1.37 -12.13 -2.19
CA ILE A 103 -2.58 -12.95 -2.35
C ILE A 103 -2.40 -13.93 -3.51
N MET A 104 -1.86 -13.46 -4.62
CA MET A 104 -1.65 -14.34 -5.77
C MET A 104 -0.70 -15.50 -5.47
N VAL A 105 0.36 -15.22 -4.72
CA VAL A 105 1.31 -16.25 -4.31
C VAL A 105 0.59 -17.29 -3.47
N LEU A 106 -0.18 -16.80 -2.49
CA LEU A 106 -0.89 -17.67 -1.56
C LEU A 106 -1.94 -18.54 -2.25
N GLN A 107 -2.56 -18.03 -3.31
CA GLN A 107 -3.43 -18.85 -4.15
C GLN A 107 -2.66 -20.00 -4.82
N CYS A 108 -1.47 -19.69 -5.33
CA CYS A 108 -0.62 -20.72 -5.93
C CYS A 108 -0.29 -21.81 -4.91
N MET A 109 -0.05 -21.39 -3.67
CA MET A 109 0.22 -22.33 -2.60
C MET A 109 -1.03 -23.19 -2.34
N GLU A 110 -2.21 -22.58 -2.28
CA GLU A 110 -3.44 -23.34 -2.04
C GLU A 110 -3.70 -24.36 -3.14
N ARG A 111 -3.33 -24.02 -4.36
CA ARG A 111 -3.56 -24.93 -5.49
C ARG A 111 -2.45 -25.95 -5.68
N GLY A 112 -1.50 -25.99 -4.75
CA GLY A 112 -0.46 -27.01 -4.79
C GLY A 112 0.63 -26.75 -5.82
N LEU A 113 0.71 -25.52 -6.34
CA LEU A 113 1.71 -25.19 -7.35
C LEU A 113 3.06 -24.87 -6.71
N VAL A 114 3.04 -24.36 -5.48
CA VAL A 114 4.25 -23.99 -4.78
C VAL A 114 4.14 -24.31 -3.30
N ASP A 115 5.29 -24.38 -2.64
CA ASP A 115 5.38 -24.53 -1.20
C ASP A 115 6.13 -23.33 -0.65
N LEU A 116 5.67 -22.76 0.45
CA LEU A 116 6.25 -21.52 0.96
C LEU A 116 7.70 -21.67 1.39
N ASP A 117 8.10 -22.86 1.81
CA ASP A 117 9.47 -23.08 2.26
C ASP A 117 10.38 -23.77 1.24
N GLU A 118 9.89 -24.00 0.03
CA GLU A 118 10.76 -24.51 -1.02
C GLU A 118 11.70 -23.39 -1.48
N THR A 119 12.89 -23.75 -1.93
CA THR A 119 13.82 -22.75 -2.43
C THR A 119 13.28 -22.23 -3.76
N VAL A 120 13.69 -21.03 -4.13
CA VAL A 120 13.25 -20.40 -5.38
C VAL A 120 13.98 -20.93 -6.62
N ASP A 121 14.95 -21.82 -6.41
CA ASP A 121 15.84 -22.27 -7.47
C ASP A 121 15.09 -22.89 -8.66
N ARG A 122 14.04 -23.67 -8.37
CA ARG A 122 13.24 -24.32 -9.42
C ARG A 122 12.57 -23.31 -10.36
N LEU A 123 11.84 -22.36 -9.80
CA LEU A 123 11.09 -21.41 -10.64
C LEU A 123 11.85 -20.12 -10.93
N LEU A 124 12.79 -19.76 -10.07
CA LEU A 124 13.59 -18.55 -10.24
C LEU A 124 15.10 -18.85 -10.23
N PRO A 125 15.58 -19.63 -11.21
CA PRO A 125 17.01 -19.90 -11.31
C PRO A 125 17.81 -18.63 -11.62
N ASP A 126 17.17 -17.65 -12.24
CA ASP A 126 17.79 -16.36 -12.48
C ASP A 126 18.02 -15.58 -11.19
N LEU A 127 17.13 -15.70 -10.21
CA LEU A 127 17.38 -15.11 -8.90
C LEU A 127 18.44 -15.91 -8.12
N SER A 128 18.35 -17.23 -8.17
CA SER A 128 19.30 -18.11 -7.46
C SER A 128 20.74 -17.89 -7.89
N ALA A 129 20.95 -17.70 -9.19
CA ALA A 129 22.29 -17.48 -9.71
C ALA A 129 22.85 -16.08 -9.39
N MET A 130 22.03 -15.17 -8.88
CA MET A 130 22.47 -13.80 -8.67
C MET A 130 23.35 -13.64 -7.43
N PRO A 131 24.44 -12.87 -7.56
CA PRO A 131 25.38 -12.73 -6.47
C PRO A 131 24.93 -11.67 -5.47
N VAL A 132 25.63 -11.62 -4.34
CA VAL A 132 25.42 -10.60 -3.32
C VAL A 132 26.48 -9.51 -3.51
N LEU A 133 26.04 -8.25 -3.56
CA LEU A 133 26.94 -7.10 -3.65
C LEU A 133 27.49 -6.82 -2.25
N GLU A 134 28.80 -6.85 -2.11
CA GLU A 134 29.42 -6.71 -0.80
C GLU A 134 30.03 -5.32 -0.59
N GLY A 135 30.47 -4.69 -1.67
CA GLY A 135 31.07 -3.37 -1.61
C GLY A 135 31.72 -3.00 -2.92
N PHE A 136 32.63 -2.03 -2.88
CA PHE A 136 33.35 -1.58 -4.06
C PHE A 136 34.84 -1.38 -3.74
N ASP A 137 35.69 -1.67 -4.72
CA ASP A 137 37.13 -1.42 -4.57
C ASP A 137 37.44 0.07 -4.72
N ASP A 138 38.72 0.42 -4.74
CA ASP A 138 39.12 1.83 -4.81
C ASP A 138 38.87 2.42 -6.21
N ALA A 139 38.96 1.58 -7.24
CA ALA A 139 38.69 2.00 -8.62
C ALA A 139 37.19 2.20 -8.90
N GLY A 140 36.33 1.70 -8.02
CA GLY A 140 34.88 1.82 -8.18
C GLY A 140 34.24 0.58 -8.78
N ASN A 141 35.03 -0.48 -8.97
CA ASN A 141 34.52 -1.77 -9.44
C ASN A 141 33.76 -2.48 -8.32
N ALA A 142 32.63 -3.09 -8.67
CA ALA A 142 31.79 -3.78 -7.69
C ALA A 142 32.48 -5.03 -7.16
N ARG A 143 32.31 -5.30 -5.87
CA ARG A 143 32.78 -6.54 -5.26
C ARG A 143 31.59 -7.45 -4.99
N LEU A 144 31.52 -8.56 -5.73
CA LEU A 144 30.38 -9.48 -5.67
C LEU A 144 30.83 -10.82 -5.12
N ARG A 145 29.90 -11.53 -4.47
CA ARG A 145 30.18 -12.85 -3.92
C ARG A 145 28.99 -13.77 -4.02
N GLU A 146 29.23 -15.06 -3.78
CA GLU A 146 28.19 -16.05 -3.83
C GLU A 146 27.33 -15.94 -2.57
N ARG A 147 26.03 -16.13 -2.75
CA ARG A 147 25.07 -16.15 -1.65
C ARG A 147 25.36 -17.31 -0.72
N ARG A 148 25.15 -17.10 0.58
CA ARG A 148 25.20 -18.18 1.55
C ARG A 148 23.79 -18.55 1.97
N GLY A 149 23.40 -19.80 1.74
CA GLY A 149 22.04 -20.26 2.02
C GLY A 149 21.12 -20.00 0.83
N LYS A 150 19.91 -20.56 0.88
CA LYS A 150 18.96 -20.48 -0.23
C LYS A 150 17.81 -19.55 0.09
N ILE A 151 17.34 -18.81 -0.91
CA ILE A 151 16.15 -17.99 -0.76
C ILE A 151 14.92 -18.89 -0.94
N THR A 152 13.97 -18.79 -0.02
CA THR A 152 12.69 -19.44 -0.17
C THR A 152 11.60 -18.41 -0.47
N LEU A 153 10.46 -18.92 -0.92
CA LEU A 153 9.30 -18.07 -1.16
C LEU A 153 8.88 -17.31 0.10
N ARG A 154 9.01 -17.91 1.28
CA ARG A 154 8.66 -17.21 2.52
C ARG A 154 9.61 -16.05 2.81
N HIS A 155 10.87 -16.17 2.38
CA HIS A 155 11.80 -15.04 2.50
C HIS A 155 11.32 -13.89 1.60
N LEU A 156 10.82 -14.21 0.41
CA LEU A 156 10.36 -13.18 -0.51
C LEU A 156 9.15 -12.47 0.10
N LEU A 157 8.20 -13.24 0.62
CA LEU A 157 6.97 -12.67 1.17
C LEU A 157 7.20 -11.83 2.43
N THR A 158 8.30 -12.08 3.13
CA THR A 158 8.59 -11.38 4.38
C THR A 158 9.72 -10.35 4.29
N HIS A 159 10.25 -10.12 3.09
CA HIS A 159 11.39 -9.21 2.87
C HIS A 159 12.63 -9.57 3.70
N THR A 160 12.95 -10.85 3.76
CA THR A 160 14.14 -11.33 4.48
C THR A 160 15.08 -12.12 3.53
N SER A 161 14.95 -11.89 2.24
CA SER A 161 15.73 -12.56 1.21
C SER A 161 17.15 -12.01 1.02
N GLY A 162 17.38 -10.78 1.47
CA GLY A 162 18.63 -10.09 1.15
C GLY A 162 18.52 -9.11 -0.01
N LEU A 163 17.38 -9.11 -0.69
CA LEU A 163 17.10 -8.13 -1.75
C LEU A 163 16.73 -6.78 -1.14
N SER A 164 17.07 -5.71 -1.85
CA SER A 164 16.79 -4.33 -1.43
C SER A 164 16.27 -3.50 -2.61
N TYR A 165 16.31 -2.18 -2.48
CA TYR A 165 15.88 -1.27 -3.53
C TYR A 165 17.00 -0.27 -3.82
N VAL A 166 17.19 0.04 -5.10
CA VAL A 166 18.22 0.97 -5.56
C VAL A 166 18.04 2.36 -4.96
N PHE A 167 16.79 2.78 -4.76
CA PHE A 167 16.52 4.11 -4.19
C PHE A 167 16.69 4.18 -2.67
N LEU A 168 17.09 3.08 -2.03
CA LEU A 168 17.07 3.00 -0.57
C LEU A 168 18.40 2.58 0.06
N HIS A 169 19.08 1.59 -0.50
CA HIS A 169 20.31 1.04 0.10
C HIS A 169 21.54 1.72 -0.49
N PRO A 170 22.48 2.16 0.37
CA PRO A 170 23.65 2.89 -0.13
C PRO A 170 24.52 2.11 -1.11
N LEU A 171 24.67 0.80 -0.89
CA LEU A 171 25.41 -0.06 -1.83
C LEU A 171 24.83 -0.03 -3.24
N LEU A 172 23.51 -0.14 -3.34
CA LEU A 172 22.83 -0.13 -4.63
C LEU A 172 22.79 1.29 -5.24
N ARG A 173 22.70 2.31 -4.40
CA ARG A 173 22.81 3.70 -4.89
C ARG A 173 24.14 3.88 -5.62
N GLU A 174 25.21 3.39 -5.01
CA GLU A 174 26.54 3.43 -5.60
C GLU A 174 26.64 2.58 -6.87
N TYR A 175 26.09 1.38 -6.80
CA TYR A 175 26.02 0.44 -7.94
C TYR A 175 25.46 1.15 -9.18
N MET A 176 24.39 1.90 -8.99
CA MET A 176 23.77 2.65 -10.09
C MET A 176 24.66 3.82 -10.51
N ALA A 177 25.22 4.52 -9.54
CA ALA A 177 26.14 5.63 -9.81
C ALA A 177 27.31 5.20 -10.68
N GLN A 178 27.88 4.03 -10.40
CA GLN A 178 28.98 3.47 -11.20
C GLN A 178 28.56 2.98 -12.58
N GLY A 179 27.26 2.99 -12.87
CA GLY A 179 26.76 2.75 -14.22
C GLY A 179 26.40 1.30 -14.51
N TYR A 180 26.30 0.47 -13.47
CA TYR A 180 26.01 -0.94 -13.66
C TYR A 180 24.58 -1.24 -14.11
N LEU A 181 23.67 -0.28 -13.97
CA LEU A 181 22.26 -0.49 -14.31
C LEU A 181 21.76 0.37 -15.48
N GLN A 182 22.67 1.01 -16.21
CA GLN A 182 22.27 1.93 -17.28
C GLN A 182 21.61 1.23 -18.48
N SER A 183 21.87 -0.07 -18.65
CA SER A 183 21.21 -0.85 -19.71
C SER A 183 20.00 -1.64 -19.19
N ALA A 184 19.79 -1.62 -17.87
CA ALA A 184 18.69 -2.36 -17.24
C ALA A 184 17.43 -1.50 -17.09
N GLU A 185 17.13 -0.68 -18.10
CA GLU A 185 15.95 0.16 -18.08
C GLU A 185 15.35 0.30 -19.47
N LYS A 186 14.02 0.44 -19.53
CA LYS A 186 13.34 0.64 -20.80
C LYS A 186 12.10 1.50 -20.57
N PHE A 187 11.89 2.48 -21.45
CA PHE A 187 10.84 3.48 -21.32
C PHE A 187 10.99 4.31 -20.03
N GLY A 188 12.23 4.49 -19.57
CA GLY A 188 12.49 5.21 -18.33
C GLY A 188 12.13 4.47 -17.05
N ILE A 189 11.73 3.19 -17.16
CA ILE A 189 11.43 2.37 -15.99
C ILE A 189 12.57 1.36 -15.76
N GLN A 190 13.17 1.41 -14.57
CA GLN A 190 14.30 0.56 -14.24
C GLN A 190 13.84 -0.84 -13.86
N SER A 191 14.57 -1.85 -14.33
CA SER A 191 14.25 -3.23 -13.99
C SER A 191 14.35 -3.43 -12.48
N ARG A 192 13.35 -4.11 -11.92
CA ARG A 192 13.42 -4.54 -10.51
C ARG A 192 14.04 -5.91 -10.36
N LEU A 193 14.39 -6.55 -11.48
CA LEU A 193 14.99 -7.89 -11.49
C LEU A 193 16.53 -7.88 -11.62
N ALA A 194 17.09 -6.82 -12.22
CA ALA A 194 18.52 -6.74 -12.52
C ALA A 194 19.48 -6.56 -11.31
N PRO A 195 19.13 -5.71 -10.33
CA PRO A 195 20.10 -5.44 -9.24
C PRO A 195 20.44 -6.64 -8.36
N PRO A 196 21.69 -6.71 -7.86
CA PRO A 196 22.06 -7.82 -6.99
C PRO A 196 21.50 -7.65 -5.58
N ALA A 197 21.46 -8.74 -4.82
CA ALA A 197 21.11 -8.67 -3.40
C ALA A 197 22.23 -7.98 -2.62
N VAL A 198 21.93 -7.56 -1.39
CA VAL A 198 22.91 -6.93 -0.51
C VAL A 198 23.11 -7.69 0.79
N ASN A 199 22.43 -8.82 0.96
CA ASN A 199 22.71 -9.69 2.09
C ASN A 199 22.23 -11.10 1.77
N ASP A 200 22.47 -12.02 2.72
CA ASP A 200 22.04 -13.41 2.58
C ASP A 200 20.62 -13.59 3.12
N PRO A 201 19.91 -14.63 2.64
CA PRO A 201 18.56 -14.83 3.12
C PRO A 201 18.52 -15.23 4.59
N GLY A 202 17.59 -14.62 5.32
CA GLY A 202 17.49 -14.83 6.77
C GLY A 202 18.37 -13.91 7.59
N ALA A 203 19.26 -13.15 6.95
CA ALA A 203 20.22 -12.34 7.70
C ALA A 203 19.54 -11.11 8.32
N GLU A 204 18.71 -10.42 7.54
CA GLU A 204 17.95 -9.29 8.08
C GLU A 204 16.70 -8.95 7.27
N TRP A 205 15.84 -8.14 7.89
CA TRP A 205 14.67 -7.60 7.22
C TRP A 205 15.13 -6.38 6.42
N ILE A 206 14.95 -6.43 5.11
CA ILE A 206 15.30 -5.33 4.21
C ILE A 206 14.17 -5.17 3.18
N TYR A 207 13.58 -3.99 3.14
CA TYR A 207 12.55 -3.69 2.15
C TYR A 207 13.14 -3.76 0.74
N GLY A 208 12.57 -4.59 -0.13
CA GLY A 208 13.16 -4.82 -1.43
C GLY A 208 12.22 -5.34 -2.50
N THR A 209 12.82 -5.66 -3.64
CA THR A 209 12.16 -6.12 -4.86
C THR A 209 11.59 -7.55 -4.75
N ASN A 210 11.36 -8.01 -3.54
CA ASN A 210 10.85 -9.34 -3.23
C ASN A 210 9.55 -9.74 -3.91
N LEU A 211 8.62 -8.79 -4.01
CA LEU A 211 7.32 -9.06 -4.62
C LEU A 211 7.38 -8.96 -6.14
N ASP A 212 8.41 -8.31 -6.67
CA ASP A 212 8.64 -8.33 -8.10
C ASP A 212 9.11 -9.72 -8.53
N TRP A 213 10.02 -10.30 -7.76
CA TRP A 213 10.45 -11.69 -7.97
C TRP A 213 9.30 -12.67 -7.70
N ALA A 214 8.57 -12.48 -6.61
CA ALA A 214 7.41 -13.34 -6.30
C ALA A 214 6.39 -13.32 -7.44
N GLY A 215 6.19 -12.16 -8.05
CA GLY A 215 5.31 -12.06 -9.21
C GLY A 215 5.79 -12.88 -10.40
N LYS A 216 7.11 -12.86 -10.65
CA LYS A 216 7.67 -13.74 -11.69
C LYS A 216 7.40 -15.21 -11.37
N LEU A 217 7.53 -15.56 -10.10
CA LEU A 217 7.29 -16.91 -9.63
C LEU A 217 5.87 -17.37 -9.93
N VAL A 218 4.89 -16.49 -9.67
CA VAL A 218 3.48 -16.74 -10.02
C VAL A 218 3.29 -16.96 -11.52
N GLU A 219 3.93 -16.10 -12.32
CA GLU A 219 3.84 -16.23 -13.76
C GLU A 219 4.35 -17.59 -14.24
N ARG A 220 5.47 -18.02 -13.69
CA ARG A 220 6.13 -19.23 -14.14
C ARG A 220 5.44 -20.47 -13.59
N ALA A 221 4.90 -20.38 -12.37
CA ALA A 221 4.14 -21.48 -11.77
C ALA A 221 2.81 -21.75 -12.49
N THR A 222 2.22 -20.72 -13.05
CA THR A 222 0.89 -20.82 -13.63
C THR A 222 0.88 -20.82 -15.15
N GLY A 223 1.97 -20.35 -15.74
CA GLY A 223 2.03 -20.21 -17.19
C GLY A 223 1.26 -19.02 -17.73
N LEU A 224 0.82 -18.12 -16.85
CA LEU A 224 0.12 -16.91 -17.27
C LEU A 224 0.97 -15.69 -16.95
N ASP A 225 0.81 -14.61 -17.72
CA ASP A 225 1.42 -13.34 -17.31
C ASP A 225 0.64 -12.80 -16.12
N LEU A 226 1.29 -11.97 -15.29
CA LEU A 226 0.70 -11.59 -14.02
C LEU A 226 -0.59 -10.81 -14.25
N GLU A 227 -0.66 -10.07 -15.37
CA GLU A 227 -1.89 -9.34 -15.72
C GLU A 227 -3.08 -10.26 -15.88
N GLN A 228 -2.94 -11.30 -16.71
CA GLN A 228 -4.05 -12.24 -16.88
C GLN A 228 -4.36 -12.94 -15.55
N TYR A 229 -3.34 -13.33 -14.79
CA TYR A 229 -3.56 -14.02 -13.52
C TYR A 229 -4.36 -13.14 -12.55
N LEU A 230 -3.94 -11.88 -12.43
CA LEU A 230 -4.65 -10.85 -11.66
C LEU A 230 -6.14 -10.79 -12.02
N GLN A 231 -6.40 -10.68 -13.33
CA GLN A 231 -7.77 -10.53 -13.82
C GLN A 231 -8.62 -11.74 -13.46
N GLU A 232 -8.07 -12.92 -13.66
CA GLU A 232 -8.83 -14.16 -13.46
C GLU A 232 -9.03 -14.51 -11.99
N ASN A 233 -8.14 -14.07 -11.10
CA ASN A 233 -8.10 -14.63 -9.76
C ASN A 233 -8.32 -13.65 -8.62
N ILE A 234 -8.18 -12.37 -8.92
CA ILE A 234 -8.54 -11.34 -7.96
C ILE A 234 -9.70 -10.50 -8.49
N CYS A 235 -9.60 -10.01 -9.72
CA CYS A 235 -10.61 -9.07 -10.21
C CYS A 235 -11.95 -9.73 -10.45
N ALA A 236 -11.95 -10.81 -11.24
CA ALA A 236 -13.20 -11.48 -11.61
C ALA A 236 -14.04 -11.92 -10.41
N PRO A 237 -13.45 -12.60 -9.42
CA PRO A 237 -14.22 -13.02 -8.26
C PRO A 237 -14.85 -11.88 -7.45
N LEU A 238 -14.28 -10.68 -7.53
CA LEU A 238 -14.79 -9.53 -6.78
C LEU A 238 -15.56 -8.55 -7.68
N GLY A 239 -15.73 -8.89 -8.95
CA GLY A 239 -16.44 -8.01 -9.89
C GLY A 239 -15.73 -6.71 -10.19
N ILE A 240 -14.39 -6.71 -10.08
CA ILE A 240 -13.59 -5.51 -10.33
C ILE A 240 -13.28 -5.41 -11.83
N THR A 241 -13.55 -4.25 -12.43
CA THR A 241 -13.30 -4.06 -13.87
C THR A 241 -12.23 -3.01 -14.18
N ASP A 242 -11.62 -2.43 -13.14
CA ASP A 242 -10.69 -1.32 -13.32
C ASP A 242 -9.36 -1.50 -12.57
N MET A 243 -8.86 -2.73 -12.52
CA MET A 243 -7.61 -3.02 -11.80
C MET A 243 -6.66 -3.73 -12.75
N THR A 244 -5.53 -3.09 -13.06
CA THR A 244 -4.64 -3.53 -14.16
C THR A 244 -3.19 -3.09 -13.98
N PHE A 245 -2.26 -3.90 -14.51
CA PHE A 245 -0.86 -3.48 -14.70
C PHE A 245 -0.70 -2.67 -16.00
N LYS A 246 -1.68 -2.77 -16.89
CA LYS A 246 -1.56 -2.26 -18.25
C LYS A 246 -2.49 -1.07 -18.49
N LEU A 247 -2.27 -0.01 -17.73
CA LEU A 247 -3.08 1.20 -17.81
C LEU A 247 -3.15 1.79 -19.23
N GLN A 248 -2.03 1.75 -19.95
CA GLN A 248 -1.98 2.35 -21.29
C GLN A 248 -2.83 1.59 -22.29
N GLN A 249 -3.26 0.38 -21.95
CA GLN A 249 -4.19 -0.37 -22.79
C GLN A 249 -5.65 -0.13 -22.43
N ARG A 250 -5.92 0.79 -21.49
CA ARG A 250 -7.29 1.11 -21.09
C ARG A 250 -7.60 2.60 -21.30
N PRO A 251 -7.99 2.97 -22.54
CA PRO A 251 -8.38 4.35 -22.85
C PRO A 251 -9.42 4.91 -21.90
N ASP A 252 -10.38 4.09 -21.49
CA ASP A 252 -11.43 4.50 -20.58
C ASP A 252 -10.89 4.91 -19.18
N MET A 253 -9.88 4.21 -18.68
CA MET A 253 -9.24 4.60 -17.42
C MET A 253 -8.32 5.82 -17.60
N LEU A 254 -7.58 5.85 -18.70
CA LEU A 254 -6.71 6.98 -19.00
C LEU A 254 -7.50 8.30 -19.02
N ALA A 255 -8.71 8.30 -19.57
CA ALA A 255 -9.49 9.52 -19.72
C ALA A 255 -9.88 10.10 -18.35
N ARG A 256 -9.92 9.26 -17.32
CA ARG A 256 -10.42 9.63 -15.99
C ARG A 256 -9.37 9.55 -14.87
N ARG A 257 -8.14 9.16 -15.20
CA ARG A 257 -7.15 8.82 -14.17
C ARG A 257 -6.72 10.05 -13.37
N ALA A 258 -6.27 9.80 -12.15
CA ALA A 258 -5.55 10.82 -11.38
C ALA A 258 -4.23 11.16 -12.05
N ASP A 259 -3.75 12.38 -11.81
CA ASP A 259 -2.34 12.71 -11.99
C ASP A 259 -1.66 12.57 -10.64
N GLN A 260 -0.38 12.26 -10.65
CA GLN A 260 0.43 12.33 -9.44
C GLN A 260 0.76 13.78 -9.17
N THR A 261 0.75 14.13 -7.89
CA THR A 261 1.18 15.46 -7.41
C THR A 261 2.43 15.26 -6.55
N HIS A 262 3.31 16.25 -6.56
CA HIS A 262 4.52 16.21 -5.75
C HIS A 262 4.55 17.45 -4.89
N ARG A 263 4.92 17.30 -3.63
CA ARG A 263 5.15 18.44 -2.77
C ARG A 263 6.64 18.80 -2.78
N ASN A 264 6.96 19.99 -3.27
CA ASN A 264 8.35 20.46 -3.29
C ASN A 264 8.89 20.65 -1.88
N SER A 265 10.06 20.07 -1.63
CA SER A 265 10.71 20.13 -0.32
C SER A 265 11.00 21.55 0.16
N ALA A 266 11.31 22.45 -0.78
CA ALA A 266 11.70 23.82 -0.44
C ALA A 266 10.55 24.69 0.09
N ASP A 267 9.41 24.73 -0.62
CA ASP A 267 8.32 25.64 -0.26
C ASP A 267 6.99 24.99 0.15
N GLY A 268 6.92 23.66 0.12
CA GLY A 268 5.71 22.96 0.50
C GLY A 268 4.53 23.13 -0.45
N ARG A 269 4.79 23.65 -1.65
CA ARG A 269 3.75 23.88 -2.64
C ARG A 269 3.52 22.60 -3.44
N LEU A 270 2.30 22.44 -3.94
CA LEU A 270 1.91 21.27 -4.74
C LEU A 270 2.21 21.54 -6.21
N ARG A 271 2.81 20.58 -6.89
CA ARG A 271 3.07 20.71 -8.33
C ARG A 271 2.76 19.41 -9.06
N TYR A 272 2.38 19.54 -10.33
CA TYR A 272 2.19 18.38 -11.19
C TYR A 272 3.47 17.55 -11.27
N ASP A 273 3.33 16.23 -11.14
CA ASP A 273 4.46 15.29 -11.17
C ASP A 273 4.27 14.41 -12.40
N ASP A 274 5.05 14.68 -13.42
CA ASP A 274 4.99 13.95 -14.69
C ASP A 274 5.73 12.61 -14.50
N SER A 275 5.09 11.69 -13.76
CA SER A 275 5.72 10.42 -13.40
C SER A 275 5.87 9.53 -14.64
N VAL A 276 7.05 8.93 -14.78
CA VAL A 276 7.27 7.93 -15.83
C VAL A 276 6.23 6.81 -15.76
N TYR A 277 5.75 6.50 -14.56
CA TYR A 277 4.80 5.40 -14.37
C TYR A 277 3.43 5.68 -14.96
N PHE A 278 3.13 6.95 -15.22
CA PHE A 278 1.89 7.32 -15.89
C PHE A 278 2.02 7.51 -17.41
N ARG A 279 3.23 7.39 -17.98
CA ARG A 279 3.35 7.42 -19.45
C ARG A 279 3.70 6.09 -20.11
N ALA A 280 4.19 5.11 -19.35
CA ALA A 280 4.45 3.79 -19.90
C ALA A 280 4.26 2.72 -18.83
N ASP A 281 3.66 1.60 -19.22
CA ASP A 281 3.42 0.48 -18.31
C ASP A 281 4.69 -0.34 -18.11
N GLY A 282 5.59 -0.28 -19.07
CA GLY A 282 6.79 -1.11 -19.06
C GLY A 282 6.48 -2.46 -19.68
N GLU A 283 7.54 -3.18 -20.04
CA GLU A 283 7.40 -4.44 -20.75
C GLU A 283 6.96 -5.58 -19.83
N GLU A 284 7.20 -5.48 -18.53
CA GLU A 284 6.71 -6.53 -17.65
C GLU A 284 6.03 -6.09 -16.35
N CYS A 285 5.29 -7.03 -15.78
CA CYS A 285 4.50 -6.79 -14.58
C CYS A 285 5.41 -6.93 -13.38
N PHE A 286 5.55 -5.82 -12.64
CA PHE A 286 6.33 -5.79 -11.41
C PHE A 286 5.33 -5.77 -10.26
N GLY A 287 5.17 -6.94 -9.64
CA GLY A 287 4.20 -7.15 -8.57
C GLY A 287 4.50 -6.46 -7.25
N GLY A 288 5.62 -5.74 -7.19
CA GLY A 288 5.90 -4.90 -6.03
C GLY A 288 5.32 -3.50 -6.16
N GLN A 289 4.85 -3.12 -7.35
CA GLN A 289 4.58 -1.71 -7.59
C GLN A 289 3.62 -1.33 -8.71
N GLY A 290 3.25 -2.27 -9.59
CA GLY A 290 2.74 -1.88 -10.90
C GLY A 290 1.24 -1.79 -11.18
N VAL A 291 0.39 -2.01 -10.19
CA VAL A 291 -1.05 -2.03 -10.44
C VAL A 291 -1.67 -0.63 -10.33
N PHE A 292 -2.58 -0.34 -11.25
CA PHE A 292 -3.44 0.83 -11.19
C PHE A 292 -4.86 0.38 -10.90
N SER A 293 -5.50 1.06 -9.95
CA SER A 293 -6.89 0.79 -9.63
C SER A 293 -7.52 1.95 -8.88
N SER A 294 -8.82 1.86 -8.66
CA SER A 294 -9.54 2.84 -7.87
C SER A 294 -9.51 2.48 -6.38
N PRO A 295 -9.70 3.48 -5.49
CA PRO A 295 -9.86 3.21 -4.07
C PRO A 295 -10.97 2.20 -3.80
N GLY A 296 -12.07 2.33 -4.55
CA GLY A 296 -13.23 1.43 -4.39
C GLY A 296 -12.88 -0.02 -4.62
N SER A 297 -12.17 -0.30 -5.70
CA SER A 297 -11.77 -1.67 -6.00
C SER A 297 -10.76 -2.21 -4.97
N TYR A 298 -9.83 -1.36 -4.53
CA TYR A 298 -8.87 -1.76 -3.49
C TYR A 298 -9.59 -2.15 -2.20
N MET A 299 -10.59 -1.36 -1.80
CA MET A 299 -11.39 -1.68 -0.59
C MET A 299 -12.12 -3.01 -0.73
N LYS A 300 -12.53 -3.37 -1.94
CA LYS A 300 -13.14 -4.68 -2.13
C LYS A 300 -12.19 -5.82 -1.72
N VAL A 301 -10.90 -5.65 -1.99
CA VAL A 301 -9.90 -6.65 -1.59
C VAL A 301 -9.75 -6.72 -0.07
N LEU A 302 -9.54 -5.57 0.55
CA LEU A 302 -9.46 -5.49 2.01
C LEU A 302 -10.69 -6.08 2.69
N HIS A 303 -11.85 -5.68 2.21
CA HIS A 303 -13.12 -6.11 2.78
C HIS A 303 -13.34 -7.63 2.70
N SER A 304 -12.98 -8.22 1.56
CA SER A 304 -13.07 -9.68 1.36
C SER A 304 -12.18 -10.44 2.35
N LEU A 305 -10.98 -9.91 2.56
CA LEU A 305 -10.07 -10.47 3.55
C LEU A 305 -10.61 -10.32 4.97
N LEU A 306 -11.20 -9.18 5.30
CA LEU A 306 -11.77 -8.97 6.63
C LEU A 306 -12.92 -9.94 6.86
N LYS A 307 -13.80 -10.07 5.88
CA LYS A 307 -14.97 -10.97 6.01
C LYS A 307 -14.62 -12.45 6.04
N ARG A 308 -13.42 -12.83 5.59
CA ARG A 308 -13.03 -14.23 5.46
CA ARG A 308 -13.05 -14.24 5.47
C ARG A 308 -14.08 -14.96 4.61
N ASP A 309 -14.53 -14.31 3.53
CA ASP A 309 -15.60 -14.85 2.68
C ASP A 309 -15.16 -15.91 1.68
N GLY A 310 -13.87 -16.23 1.63
CA GLY A 310 -13.38 -17.29 0.76
C GLY A 310 -13.30 -16.98 -0.72
N LEU A 311 -13.62 -15.75 -1.12
CA LEU A 311 -13.62 -15.38 -2.54
C LEU A 311 -12.21 -15.29 -3.12
N LEU A 312 -11.24 -14.85 -2.31
CA LEU A 312 -9.84 -14.79 -2.76
C LEU A 312 -8.98 -15.93 -2.22
N LEU A 313 -9.17 -16.26 -0.94
CA LEU A 313 -8.35 -17.25 -0.24
C LEU A 313 -9.23 -17.93 0.79
N GLN A 314 -8.87 -19.15 1.17
CA GLN A 314 -9.55 -19.82 2.27
C GLN A 314 -9.26 -19.05 3.57
N PRO A 315 -10.23 -19.02 4.50
CA PRO A 315 -10.03 -18.31 5.77
C PRO A 315 -8.76 -18.66 6.53
N GLN A 316 -8.37 -19.92 6.54
CA GLN A 316 -7.15 -20.33 7.26
C GLN A 316 -5.88 -19.80 6.59
N THR A 317 -5.93 -19.59 5.28
CA THR A 317 -4.79 -19.03 4.55
C THR A 317 -4.67 -17.54 4.87
N VAL A 318 -5.80 -16.85 4.89
CA VAL A 318 -5.85 -15.45 5.32
C VAL A 318 -5.31 -15.30 6.74
N ASP A 319 -5.67 -16.22 7.64
CA ASP A 319 -5.18 -16.18 9.01
C ASP A 319 -3.65 -16.22 9.06
N LEU A 320 -3.05 -16.99 8.17
CA LEU A 320 -1.60 -17.08 8.06
C LEU A 320 -0.94 -15.73 7.76
N MET A 321 -1.61 -14.90 6.96
CA MET A 321 -1.09 -13.59 6.60
C MET A 321 -0.89 -12.70 7.82
N PHE A 322 -1.69 -12.92 8.85
CA PHE A 322 -1.67 -12.12 10.07
C PHE A 322 -0.77 -12.68 11.18
N GLN A 323 -0.08 -13.80 10.94
CA GLN A 323 0.79 -14.37 11.96
C GLN A 323 2.20 -13.78 11.87
N PRO A 324 2.78 -13.35 13.01
CA PRO A 324 4.17 -12.91 13.02
C PRO A 324 5.08 -13.97 12.40
N ALA A 325 5.75 -13.60 11.31
CA ALA A 325 6.57 -14.54 10.55
C ALA A 325 8.03 -14.57 10.98
N LEU A 326 8.48 -13.55 11.72
CA LEU A 326 9.90 -13.39 12.06
C LEU A 326 10.26 -14.05 13.38
N GLU A 327 11.35 -14.82 13.38
CA GLU A 327 11.92 -15.31 14.63
C GLU A 327 12.46 -14.12 15.42
N PRO A 328 12.68 -14.30 16.74
CA PRO A 328 13.03 -13.16 17.59
C PRO A 328 14.20 -12.31 17.10
N ARG A 329 15.24 -12.92 16.54
CA ARG A 329 16.40 -12.16 16.05
C ARG A 329 15.99 -11.15 14.97
N LEU A 330 15.20 -11.60 14.00
CA LEU A 330 14.77 -10.73 12.91
C LEU A 330 13.70 -9.73 13.38
N GLU A 331 12.79 -10.17 14.26
CA GLU A 331 11.80 -9.25 14.83
C GLU A 331 12.51 -8.07 15.49
N GLU A 332 13.51 -8.41 16.30
CA GLU A 332 14.32 -7.41 16.98
C GLU A 332 14.98 -6.45 16.01
N GLN A 333 15.64 -6.99 15.00
CA GLN A 333 16.37 -6.14 14.05
C GLN A 333 15.42 -5.26 13.22
N MET A 334 14.26 -5.79 12.83
CA MET A 334 13.28 -4.97 12.09
C MET A 334 12.78 -3.79 12.92
N ASN A 335 12.40 -4.05 14.16
CA ASN A 335 11.94 -2.99 15.03
C ASN A 335 13.01 -1.94 15.27
N GLN A 336 14.26 -2.38 15.45
CA GLN A 336 15.38 -1.44 15.63
C GLN A 336 15.53 -0.55 14.38
N HIS A 337 15.53 -1.18 13.21
CA HIS A 337 15.66 -0.45 11.94
C HIS A 337 14.52 0.55 11.75
N MET A 338 13.29 0.11 12.01
CA MET A 338 12.11 0.94 11.79
C MET A 338 12.05 2.08 12.82
N ASP A 339 12.30 1.77 14.10
CA ASP A 339 12.41 2.81 15.14
C ASP A 339 13.47 3.86 14.80
N ALA A 340 14.59 3.45 14.21
CA ALA A 340 15.66 4.38 13.84
C ALA A 340 15.43 5.10 12.51
N SER A 341 14.35 4.78 11.80
CA SER A 341 14.14 5.32 10.45
C SER A 341 12.79 6.00 10.27
N PRO A 342 12.49 7.02 11.09
CA PRO A 342 11.25 7.74 10.88
C PRO A 342 11.23 8.54 9.59
N HIS A 343 12.41 8.75 8.98
CA HIS A 343 12.49 9.40 7.67
C HIS A 343 11.96 8.52 6.55
N ILE A 344 11.97 7.20 6.74
CA ILE A 344 11.37 6.26 5.79
C ILE A 344 9.92 5.99 6.23
N ASN A 345 9.77 5.55 7.48
CA ASN A 345 8.46 5.30 8.08
C ASN A 345 7.52 4.39 7.28
N TYR A 346 7.84 3.11 7.25
CA TYR A 346 7.04 2.14 6.49
C TYR A 346 5.62 2.05 7.08
N GLY A 347 5.51 2.27 8.39
CA GLY A 347 4.24 2.17 9.09
C GLY A 347 3.27 3.33 8.97
N GLY A 348 3.66 4.40 8.29
CA GLY A 348 2.78 5.54 8.05
C GLY A 348 2.25 6.24 9.30
N PRO A 349 0.92 6.21 9.52
CA PRO A 349 0.32 6.88 10.67
C PRO A 349 0.59 6.23 12.02
N MET A 350 1.08 4.99 12.04
CA MET A 350 1.36 4.29 13.31
C MET A 350 2.38 5.04 14.15
N PRO A 351 2.34 4.86 15.48
CA PRO A 351 3.36 5.50 16.33
C PRO A 351 4.77 5.12 15.87
N MET A 352 5.69 6.08 15.96
CA MET A 352 7.02 5.90 15.38
C MET A 352 7.83 4.85 16.15
N VAL A 353 7.49 4.65 17.41
CA VAL A 353 8.05 3.55 18.18
C VAL A 353 6.91 2.63 18.56
N LEU A 354 6.99 1.39 18.11
CA LEU A 354 5.92 0.41 18.27
C LEU A 354 6.56 -0.97 18.14
N ARG A 355 6.10 -1.93 18.92
CA ARG A 355 6.55 -3.31 18.76
CA ARG A 355 6.55 -3.30 18.75
C ARG A 355 5.81 -3.94 17.58
N ARG A 356 6.55 -4.30 16.54
CA ARG A 356 5.98 -4.83 15.31
C ARG A 356 6.56 -6.18 14.94
N SER A 357 5.87 -6.89 14.05
CA SER A 357 6.50 -7.96 13.29
C SER A 357 6.11 -7.82 11.81
N PHE A 358 6.47 -8.80 11.00
CA PHE A 358 6.03 -8.83 9.60
C PHE A 358 5.29 -10.12 9.38
N GLY A 359 4.17 -10.05 8.68
CA GLY A 359 3.35 -11.21 8.35
C GLY A 359 3.62 -11.62 6.92
N LEU A 360 2.58 -12.10 6.23
CA LEU A 360 2.62 -12.23 4.77
C LEU A 360 1.68 -11.18 4.17
N GLY A 361 2.24 -10.11 3.62
CA GLY A 361 1.42 -9.03 3.07
C GLY A 361 1.60 -7.67 3.74
N GLY A 362 2.21 -7.64 4.92
CA GLY A 362 2.46 -6.37 5.60
C GLY A 362 2.98 -6.46 7.02
N ILE A 363 3.02 -5.31 7.67
CA ILE A 363 3.49 -5.18 9.04
C ILE A 363 2.36 -5.54 10.01
N ILE A 364 2.68 -6.29 11.06
CA ILE A 364 1.72 -6.63 12.10
C ILE A 364 2.03 -5.85 13.38
N ALA A 365 1.02 -5.24 13.99
CA ALA A 365 1.18 -4.62 15.31
C ALA A 365 1.17 -5.71 16.38
N LEU A 366 2.21 -5.76 17.21
CA LEU A 366 2.29 -6.76 18.30
C LEU A 366 1.76 -6.21 19.62
N GLU A 367 1.27 -4.97 19.59
CA GLU A 367 0.62 -4.36 20.75
C GLU A 367 -0.41 -3.38 20.23
N ASP A 368 -1.38 -3.06 21.09
CA ASP A 368 -2.38 -2.05 20.78
C ASP A 368 -1.68 -0.72 20.56
N LEU A 369 -2.10 0.01 19.52
CA LEU A 369 -1.48 1.30 19.22
C LEU A 369 -1.78 2.36 20.27
N ASP A 370 -2.98 2.33 20.84
CA ASP A 370 -3.38 3.24 21.92
C ASP A 370 -4.50 2.63 22.74
N GLY A 371 -4.17 1.57 23.48
CA GLY A 371 -5.15 0.83 24.28
C GLY A 371 -6.37 0.44 23.46
N GLU A 372 -7.54 0.91 23.90
CA GLU A 372 -8.82 0.61 23.23
C GLU A 372 -9.33 1.74 22.32
N ASN A 373 -8.49 2.75 22.07
CA ASN A 373 -8.89 3.88 21.21
C ASN A 373 -8.60 3.71 19.72
N TRP A 374 -7.73 2.76 19.36
CA TRP A 374 -7.25 2.71 17.96
C TRP A 374 -6.91 1.28 17.57
N ARG A 375 -6.02 1.07 16.60
CA ARG A 375 -5.81 -0.28 16.05
C ARG A 375 -5.33 -1.21 17.15
N ARG A 376 -5.72 -2.47 17.03
CA ARG A 376 -5.40 -3.44 18.04
C ARG A 376 -4.23 -4.31 17.58
N LYS A 377 -3.61 -4.93 18.58
CA LYS A 377 -2.67 -6.04 18.37
C LYS A 377 -3.23 -6.98 17.31
N GLY A 378 -2.37 -7.46 16.41
CA GLY A 378 -2.80 -8.38 15.37
C GLY A 378 -3.27 -7.71 14.07
N SER A 379 -3.28 -6.39 14.03
CA SER A 379 -3.68 -5.68 12.80
C SER A 379 -2.54 -5.67 11.77
N LEU A 380 -2.89 -5.70 10.50
CA LEU A 380 -1.95 -5.83 9.40
C LEU A 380 -2.05 -4.57 8.56
N THR A 381 -0.91 -4.06 8.09
CA THR A 381 -0.88 -2.79 7.39
C THR A 381 0.29 -2.67 6.43
N PHE A 382 0.10 -1.85 5.41
CA PHE A 382 1.20 -1.37 4.58
C PHE A 382 0.72 -0.13 3.82
N GLY A 383 1.40 0.23 2.74
CA GLY A 383 1.05 1.43 2.00
C GLY A 383 1.69 1.46 0.63
N GLY A 384 1.42 2.56 -0.06
CA GLY A 384 2.00 2.82 -1.37
C GLY A 384 2.55 4.22 -1.41
N GLY A 385 3.64 4.40 -2.17
CA GLY A 385 4.32 5.68 -2.31
C GLY A 385 3.52 6.95 -2.24
N PRO A 386 2.45 7.06 -3.03
CA PRO A 386 1.67 8.30 -3.05
C PRO A 386 0.80 8.56 -1.80
N ASN A 387 1.31 8.18 -0.63
CA ASN A 387 0.64 8.32 0.65
C ASN A 387 -0.65 7.52 0.78
N ILE A 388 -0.64 6.31 0.22
CA ILE A 388 -1.76 5.42 0.36
C ILE A 388 -1.45 4.59 1.60
N VAL A 389 -2.42 4.45 2.51
CA VAL A 389 -2.24 3.57 3.66
C VAL A 389 -3.47 2.67 3.81
N TRP A 390 -3.25 1.37 4.00
CA TRP A 390 -4.34 0.42 4.26
C TRP A 390 -4.06 -0.35 5.53
N GLN A 391 -5.12 -0.83 6.18
CA GLN A 391 -4.97 -1.71 7.33
C GLN A 391 -6.21 -2.57 7.52
N ILE A 392 -6.00 -3.77 8.05
CA ILE A 392 -7.07 -4.67 8.42
C ILE A 392 -6.87 -5.05 9.88
N ASP A 393 -7.92 -4.86 10.68
CA ASP A 393 -7.88 -5.06 12.11
C ASP A 393 -8.94 -6.09 12.52
N PRO A 394 -8.59 -7.38 12.51
CA PRO A 394 -9.56 -8.44 12.82
C PRO A 394 -10.22 -8.31 14.20
N LYS A 395 -9.44 -7.94 15.22
CA LYS A 395 -9.98 -7.77 16.57
C LYS A 395 -11.02 -6.65 16.66
N ALA A 396 -10.76 -5.53 15.99
CA ALA A 396 -11.70 -4.42 16.03
C ALA A 396 -12.87 -4.63 15.07
N GLY A 397 -12.71 -5.55 14.13
CA GLY A 397 -13.72 -5.80 13.10
C GLY A 397 -13.79 -4.72 12.04
N LEU A 398 -12.67 -4.06 11.76
CA LEU A 398 -12.60 -2.92 10.84
C LEU A 398 -11.48 -3.08 9.81
N CYS A 399 -11.67 -2.52 8.63
CA CYS A 399 -10.56 -2.25 7.74
C CYS A 399 -10.71 -0.84 7.20
N THR A 400 -9.59 -0.16 6.97
CA THR A 400 -9.60 1.20 6.50
C THR A 400 -8.57 1.45 5.40
N LEU A 401 -8.87 2.45 4.58
CA LEU A 401 -7.90 2.89 3.60
CA LEU A 401 -8.00 2.87 3.49
C LEU A 401 -7.97 4.39 3.44
N ALA A 402 -6.79 4.98 3.32
CA ALA A 402 -6.64 6.40 3.09
C ALA A 402 -5.86 6.47 1.80
N PHE A 403 -6.47 7.10 0.79
CA PHE A 403 -5.95 7.15 -0.54
C PHE A 403 -5.64 8.59 -0.93
N PHE A 404 -4.38 8.88 -1.19
CA PHE A 404 -3.95 10.13 -1.76
C PHE A 404 -3.24 9.76 -3.05
N GLN A 405 -2.91 10.79 -3.84
CA GLN A 405 -2.04 10.64 -5.02
C GLN A 405 -1.00 11.75 -4.91
N LEU A 406 -0.22 11.69 -3.84
CA LEU A 406 0.74 12.74 -3.49
C LEU A 406 2.04 12.11 -3.02
N GLU A 407 3.15 12.49 -3.64
CA GLU A 407 4.49 12.12 -3.19
C GLU A 407 5.22 13.37 -2.72
N PRO A 408 6.30 13.21 -1.93
CA PRO A 408 6.87 11.96 -1.43
C PRO A 408 6.04 11.27 -0.36
N TRP A 409 6.25 9.96 -0.25
CA TRP A 409 5.79 9.14 0.87
C TRP A 409 6.05 9.81 2.22
N ASN A 410 5.20 9.52 3.21
CA ASN A 410 5.38 10.03 4.57
C ASN A 410 5.25 11.55 4.64
N ASP A 411 4.35 12.10 3.84
CA ASP A 411 4.06 13.53 3.88
C ASP A 411 3.32 13.83 5.19
N PRO A 412 3.83 14.79 5.98
CA PRO A 412 3.26 15.05 7.31
C PRO A 412 1.78 15.43 7.29
N VAL A 413 1.37 16.24 6.31
CA VAL A 413 -0.03 16.64 6.23
C VAL A 413 -0.92 15.41 5.98
N CYS A 414 -0.54 14.55 5.03
CA CYS A 414 -1.32 13.34 4.74
C CYS A 414 -1.32 12.38 5.93
N ARG A 415 -0.17 12.26 6.60
CA ARG A 415 -0.07 11.36 7.76
C ARG A 415 -0.98 11.85 8.88
N ASP A 416 -0.97 13.14 9.17
CA ASP A 416 -1.82 13.69 10.24
C ASP A 416 -3.31 13.51 9.90
N LEU A 417 -3.69 13.77 8.65
CA LEU A 417 -5.07 13.58 8.22
C LEU A 417 -5.48 12.10 8.33
N THR A 418 -4.60 11.20 7.92
CA THR A 418 -4.85 9.77 7.98
C THR A 418 -5.07 9.33 9.44
N ARG A 419 -4.20 9.78 10.34
CA ARG A 419 -4.38 9.50 11.77
C ARG A 419 -5.74 10.01 12.26
N THR A 420 -6.05 11.27 11.94
CA THR A 420 -7.33 11.88 12.30
C THR A 420 -8.53 11.03 11.82
N PHE A 421 -8.47 10.60 10.57
CA PHE A 421 -9.46 9.71 9.98
C PHE A 421 -9.62 8.43 10.78
N GLU A 422 -8.54 7.68 10.97
CA GLU A 422 -8.66 6.41 11.69
C GLU A 422 -9.13 6.59 13.12
N HIS A 423 -8.58 7.60 13.81
CA HIS A 423 -8.99 7.88 15.20
C HIS A 423 -10.50 8.10 15.32
N ALA A 424 -11.06 8.90 14.42
CA ALA A 424 -12.50 9.20 14.38
C ALA A 424 -13.35 7.95 14.11
N ILE A 425 -12.95 7.14 13.14
CA ILE A 425 -13.68 5.92 12.80
C ILE A 425 -13.71 4.95 13.97
N TYR A 426 -12.54 4.69 14.54
CA TYR A 426 -12.45 3.83 15.71
C TYR A 426 -13.30 4.39 16.85
N ALA A 427 -13.21 5.69 17.10
CA ALA A 427 -13.97 6.27 18.22
C ALA A 427 -15.47 6.02 18.09
N GLN A 428 -16.02 6.16 16.88
CA GLN A 428 -17.46 6.00 16.71
C GLN A 428 -17.94 4.60 16.36
N TYR A 429 -17.09 3.79 15.72
CA TYR A 429 -17.58 2.58 15.09
C TYR A 429 -16.85 1.29 15.44
N GLN A 430 -15.80 1.37 16.25
CA GLN A 430 -15.09 0.15 16.61
C GLN A 430 -16.01 -0.65 17.50
N GLN A 431 -16.04 -1.96 17.33
CA GLN A 431 -16.82 -2.76 18.27
C GLN A 431 -15.97 -3.67 19.16
N GLY A 432 -16.21 -3.58 20.48
CA GLY A 432 -15.69 -4.56 21.43
C GLY A 432 -14.24 -4.35 21.83
#